data_1S35
#
_entry.id   1S35
#
_cell.length_a   122.151
_cell.length_b   122.151
_cell.length_c   49.548
_cell.angle_alpha   90.00
_cell.angle_beta   90.00
_cell.angle_gamma   90.00
#
_symmetry.space_group_name_H-M   'P 41 21 2'
#
loop_
_entity.id
_entity.type
_entity.pdbx_description
1 polymer 'Spectrin beta chain, erythrocyte'
2 non-polymer 'SULFATE ION'
3 water water
#
_entity_poly.entity_id   1
_entity_poly.type   'polypeptide(L)'
_entity_poly.pdbx_seq_one_letter_code
;MEQAFLQDLDDFQAWLSITQKAVASEDMPESLPEAEQLLQQHAGIKDEIDGHQDSYQRVKESGEKVIQGQTDPEYLLLGQ
RLEGLDTGWDALGRMWESRSHTLAQCLGFQEFQKDAKQAEAILSNQEYTLAHLEPPDSLEAAEAGIRKFEDFLGSMENNR
DKVLSPVDSGNKLVAEGNLYSDKIKEKVQLIEDRHRKNNEKAQEASVLLRDNLE
;
_entity_poly.pdbx_strand_id   A
#
# COMPACT_ATOMS: atom_id res chain seq x y z
N GLU A 2 37.31 28.83 -12.40
CA GLU A 2 36.89 27.52 -11.79
C GLU A 2 35.78 27.75 -10.76
N GLN A 3 34.75 28.49 -11.16
CA GLN A 3 33.62 28.78 -10.28
C GLN A 3 32.31 28.16 -10.73
N ALA A 4 31.73 28.63 -11.83
CA ALA A 4 30.45 28.10 -12.30
C ALA A 4 30.35 26.57 -12.28
N PHE A 5 31.36 25.89 -12.82
CA PHE A 5 31.33 24.43 -12.84
C PHE A 5 31.33 23.85 -11.44
N LEU A 6 32.25 24.29 -10.60
CA LEU A 6 32.34 23.82 -9.23
C LEU A 6 31.06 24.10 -8.44
N GLN A 7 30.57 25.33 -8.51
CA GLN A 7 29.34 25.67 -7.80
C GLN A 7 28.28 24.64 -8.15
N ASP A 8 28.06 24.44 -9.45
CA ASP A 8 27.07 23.48 -9.91
C ASP A 8 27.34 22.07 -9.39
N LEU A 9 28.61 21.67 -9.37
CA LEU A 9 28.96 20.35 -8.85
C LEU A 9 28.61 20.29 -7.36
N ASP A 10 29.01 21.31 -6.62
CA ASP A 10 28.70 21.39 -5.19
C ASP A 10 27.21 21.26 -5.00
N ASP A 11 26.48 22.10 -5.73
CA ASP A 11 25.03 22.15 -5.68
C ASP A 11 24.35 20.83 -5.99
N PHE A 12 24.77 20.19 -7.07
CA PHE A 12 24.16 18.92 -7.45
C PHE A 12 24.44 17.84 -6.43
N GLN A 13 25.68 17.83 -5.94
CA GLN A 13 26.07 16.82 -4.98
C GLN A 13 25.24 16.95 -3.71
N ALA A 14 25.01 18.19 -3.29
CA ALA A 14 24.24 18.46 -2.09
C ALA A 14 22.81 18.03 -2.32
N TRP A 15 22.24 18.43 -3.45
CA TRP A 15 20.88 18.03 -3.78
C TRP A 15 20.81 16.50 -3.79
N LEU A 16 21.83 15.88 -4.36
CA LEU A 16 21.88 14.43 -4.42
C LEU A 16 21.85 13.83 -3.01
N SER A 17 22.76 14.30 -2.16
CA SER A 17 22.87 13.85 -0.78
C SER A 17 21.52 13.96 -0.06
N ILE A 18 20.89 15.13 -0.18
CA ILE A 18 19.61 15.39 0.44
C ILE A 18 18.51 14.46 -0.10
N THR A 19 18.48 14.29 -1.41
CA THR A 19 17.46 13.43 -2.00
C THR A 19 17.66 11.95 -1.68
N GLN A 20 18.90 11.48 -1.65
CA GLN A 20 19.18 10.09 -1.33
C GLN A 20 18.67 9.80 0.08
N LYS A 21 18.91 10.75 0.99
CA LYS A 21 18.48 10.58 2.36
C LYS A 21 16.98 10.44 2.43
N ALA A 22 16.28 11.41 1.86
CA ALA A 22 14.82 11.37 1.87
C ALA A 22 14.30 10.04 1.36
N VAL A 23 14.89 9.56 0.26
CA VAL A 23 14.50 8.30 -0.34
C VAL A 23 14.93 7.11 0.51
N ALA A 24 15.99 7.29 1.29
CA ALA A 24 16.54 6.24 2.14
C ALA A 24 15.66 5.92 3.34
N SER A 25 14.66 6.77 3.57
CA SER A 25 13.71 6.62 4.67
C SER A 25 13.15 5.21 4.87
N GLU A 26 13.07 4.78 6.13
CA GLU A 26 12.53 3.46 6.43
C GLU A 26 11.09 3.57 6.96
N ASP A 27 10.60 4.80 7.03
CA ASP A 27 9.25 5.07 7.50
C ASP A 27 8.22 4.29 6.71
N MET A 28 7.50 3.40 7.38
CA MET A 28 6.48 2.58 6.75
C MET A 28 5.12 3.15 7.14
N PRO A 29 4.18 3.23 6.19
CA PRO A 29 2.86 3.77 6.51
C PRO A 29 2.17 2.89 7.54
N GLU A 30 1.33 3.51 8.37
CA GLU A 30 0.61 2.75 9.37
C GLU A 30 -0.88 2.98 9.22
N SER A 31 -1.24 3.72 8.19
CA SER A 31 -2.63 4.03 7.88
C SER A 31 -2.75 4.28 6.39
N LEU A 32 -3.95 4.14 5.86
CA LEU A 32 -4.18 4.35 4.44
C LEU A 32 -3.90 5.80 4.03
N PRO A 33 -4.29 6.76 4.89
CA PRO A 33 -4.03 8.15 4.51
C PRO A 33 -2.53 8.42 4.52
N GLU A 34 -1.83 7.80 5.45
CA GLU A 34 -0.39 7.96 5.54
C GLU A 34 0.24 7.36 4.29
N ALA A 35 -0.25 6.19 3.91
CA ALA A 35 0.24 5.48 2.74
C ALA A 35 0.10 6.35 1.49
N GLU A 36 -1.02 7.07 1.39
CA GLU A 36 -1.24 7.94 0.25
C GLU A 36 -0.29 9.12 0.30
N GLN A 37 -0.02 9.59 1.51
CA GLN A 37 0.88 10.73 1.73
C GLN A 37 2.28 10.45 1.19
N LEU A 38 2.88 9.37 1.68
CA LEU A 38 4.21 8.96 1.28
C LEU A 38 4.33 8.76 -0.23
N LEU A 39 3.30 8.18 -0.83
CA LEU A 39 3.33 7.97 -2.27
C LEU A 39 3.44 9.32 -2.97
N GLN A 40 2.63 10.27 -2.53
CA GLN A 40 2.64 11.59 -3.11
C GLN A 40 4.06 12.17 -2.99
N GLN A 41 4.61 12.14 -1.79
CA GLN A 41 5.95 12.67 -1.57
C GLN A 41 6.96 11.99 -2.48
N HIS A 42 6.86 10.67 -2.61
CA HIS A 42 7.78 9.92 -3.45
C HIS A 42 7.63 10.31 -4.91
N ALA A 43 6.39 10.60 -5.32
CA ALA A 43 6.13 11.01 -6.70
C ALA A 43 6.82 12.35 -6.93
N GLY A 44 6.75 13.22 -5.94
CA GLY A 44 7.39 14.52 -6.06
C GLY A 44 8.89 14.35 -6.23
N ILE A 45 9.47 13.43 -5.46
CA ILE A 45 10.91 13.20 -5.55
C ILE A 45 11.29 12.73 -6.95
N LYS A 46 10.44 11.92 -7.58
CA LYS A 46 10.76 11.47 -8.92
C LYS A 46 10.84 12.66 -9.86
N ASP A 47 9.90 13.58 -9.75
CA ASP A 47 9.92 14.75 -10.60
C ASP A 47 11.23 15.51 -10.41
N GLU A 48 11.72 15.56 -9.18
CA GLU A 48 12.97 16.24 -8.91
C GLU A 48 14.13 15.49 -9.55
N ILE A 49 14.06 14.18 -9.52
CA ILE A 49 15.13 13.38 -10.11
C ILE A 49 15.19 13.55 -11.62
N ASP A 50 14.02 13.46 -12.28
CA ASP A 50 13.99 13.62 -13.72
C ASP A 50 14.39 15.04 -14.07
N GLY A 51 14.08 15.98 -13.18
CA GLY A 51 14.42 17.36 -13.43
C GLY A 51 15.92 17.64 -13.34
N HIS A 52 16.63 16.78 -12.62
CA HIS A 52 18.07 16.96 -12.49
C HIS A 52 18.87 16.14 -13.48
N GLN A 53 18.22 15.22 -14.18
CA GLN A 53 18.92 14.39 -15.14
C GLN A 53 19.78 15.19 -16.12
N ASP A 54 19.15 16.12 -16.85
CA ASP A 54 19.90 16.91 -17.79
C ASP A 54 21.12 17.61 -17.19
N SER A 55 20.94 18.31 -16.09
CA SER A 55 22.09 18.99 -15.49
C SER A 55 23.12 17.95 -15.06
N TYR A 56 22.67 16.80 -14.60
CA TYR A 56 23.62 15.75 -14.18
C TYR A 56 24.56 15.40 -15.33
N GLN A 57 23.98 15.19 -16.50
CA GLN A 57 24.77 14.84 -17.67
C GLN A 57 25.76 15.94 -18.03
N ARG A 58 25.32 17.20 -18.00
CA ARG A 58 26.19 18.31 -18.36
C ARG A 58 27.37 18.40 -17.40
N VAL A 59 27.10 18.12 -16.13
CA VAL A 59 28.16 18.17 -15.13
C VAL A 59 29.11 17.01 -15.33
N LYS A 60 28.56 15.86 -15.67
CA LYS A 60 29.33 14.65 -15.88
C LYS A 60 30.29 14.87 -17.05
N GLU A 61 29.73 15.19 -18.21
CA GLU A 61 30.53 15.39 -19.41
C GLU A 61 31.54 16.52 -19.26
N SER A 62 31.14 17.63 -18.65
CA SER A 62 32.08 18.73 -18.47
C SER A 62 33.19 18.36 -17.51
N GLY A 63 32.83 17.58 -16.49
CA GLY A 63 33.81 17.16 -15.51
C GLY A 63 34.98 16.46 -16.19
N GLU A 64 34.67 15.58 -17.14
CA GLU A 64 35.70 14.86 -17.86
C GLU A 64 36.64 15.84 -18.57
N LYS A 65 36.07 16.79 -19.32
CA LYS A 65 36.91 17.74 -20.03
C LYS A 65 37.75 18.58 -19.06
N VAL A 66 37.15 19.02 -17.97
CA VAL A 66 37.90 19.83 -17.02
C VAL A 66 39.17 19.14 -16.53
N ILE A 67 39.03 17.92 -16.02
CA ILE A 67 40.20 17.20 -15.48
C ILE A 67 41.13 16.61 -16.53
N GLN A 68 40.59 16.38 -17.72
CA GLN A 68 41.38 15.79 -18.79
C GLN A 68 42.77 16.39 -18.94
N GLY A 69 43.78 15.51 -18.85
CA GLY A 69 45.16 15.93 -19.00
C GLY A 69 45.73 16.69 -17.84
N GLN A 70 44.91 17.00 -16.84
CA GLN A 70 45.41 17.74 -15.69
C GLN A 70 46.14 16.79 -14.75
N THR A 71 47.16 17.30 -14.06
CA THR A 71 47.95 16.47 -13.14
C THR A 71 48.02 17.04 -11.72
N ASP A 72 47.50 18.25 -11.52
CA ASP A 72 47.53 18.83 -10.18
C ASP A 72 46.56 18.09 -9.26
N PRO A 73 46.91 17.97 -7.97
CA PRO A 73 46.11 17.30 -6.94
C PRO A 73 44.65 17.72 -7.00
N GLU A 74 44.42 19.01 -7.18
CA GLU A 74 43.06 19.53 -7.26
C GLU A 74 42.23 18.77 -8.29
N TYR A 75 42.78 18.57 -9.49
CA TYR A 75 42.05 17.87 -10.55
C TYR A 75 41.94 16.36 -10.31
N LEU A 76 42.95 15.78 -9.67
CA LEU A 76 42.89 14.35 -9.38
C LEU A 76 41.78 14.11 -8.36
N LEU A 77 41.67 15.03 -7.41
CA LEU A 77 40.65 14.97 -6.36
C LEU A 77 39.28 15.21 -6.97
N LEU A 78 39.22 16.19 -7.88
CA LEU A 78 37.97 16.51 -8.57
C LEU A 78 37.55 15.29 -9.36
N GLY A 79 38.53 14.60 -9.94
CA GLY A 79 38.21 13.41 -10.70
C GLY A 79 37.57 12.32 -9.85
N GLN A 80 38.07 12.14 -8.63
CA GLN A 80 37.52 11.13 -7.74
C GLN A 80 36.12 11.55 -7.35
N ARG A 81 35.96 12.85 -7.11
CA ARG A 81 34.67 13.40 -6.73
C ARG A 81 33.60 13.13 -7.80
N LEU A 82 34.00 13.18 -9.07
CA LEU A 82 33.09 12.93 -10.18
C LEU A 82 32.70 11.47 -10.26
N GLU A 83 33.57 10.60 -9.77
CA GLU A 83 33.25 9.19 -9.77
C GLU A 83 32.14 9.01 -8.74
N GLY A 84 32.31 9.67 -7.60
CA GLY A 84 31.32 9.59 -6.54
C GLY A 84 29.97 10.00 -7.07
N LEU A 85 29.95 11.14 -7.76
CA LEU A 85 28.72 11.69 -8.34
C LEU A 85 28.01 10.65 -9.20
N ASP A 86 28.74 10.02 -10.13
CA ASP A 86 28.14 9.02 -11.00
C ASP A 86 27.54 7.88 -10.19
N THR A 87 28.25 7.49 -9.13
CA THR A 87 27.78 6.41 -8.27
C THR A 87 26.51 6.82 -7.54
N GLY A 88 26.60 7.91 -6.79
CA GLY A 88 25.45 8.41 -6.05
C GLY A 88 24.26 8.60 -6.96
N TRP A 89 24.50 9.09 -8.16
CA TRP A 89 23.40 9.31 -9.08
C TRP A 89 22.72 8.01 -9.47
N ASP A 90 23.50 6.95 -9.72
CA ASP A 90 22.91 5.65 -10.06
C ASP A 90 22.27 5.03 -8.83
N ALA A 91 22.93 5.17 -7.69
CA ALA A 91 22.43 4.62 -6.44
C ALA A 91 21.07 5.20 -6.13
N LEU A 92 20.92 6.53 -6.31
CA LEU A 92 19.67 7.21 -6.06
C LEU A 92 18.53 6.64 -6.91
N GLY A 93 18.84 6.43 -8.19
CA GLY A 93 17.85 5.89 -9.10
C GLY A 93 17.31 4.57 -8.61
N ARG A 94 18.22 3.68 -8.26
CA ARG A 94 17.83 2.37 -7.79
C ARG A 94 17.07 2.44 -6.46
N MET A 95 17.54 3.29 -5.55
CA MET A 95 16.91 3.48 -4.25
C MET A 95 15.47 3.91 -4.44
N TRP A 96 15.27 4.85 -5.35
CA TRP A 96 13.93 5.36 -5.61
C TRP A 96 13.01 4.26 -6.09
N GLU A 97 13.45 3.52 -7.11
CA GLU A 97 12.65 2.43 -7.67
C GLU A 97 12.26 1.44 -6.59
N SER A 98 13.24 1.09 -5.77
CA SER A 98 13.01 0.15 -4.70
C SER A 98 12.03 0.71 -3.69
N ARG A 99 12.22 1.97 -3.32
CA ARG A 99 11.35 2.63 -2.35
C ARG A 99 9.93 2.74 -2.90
N SER A 100 9.83 3.09 -4.17
CA SER A 100 8.55 3.23 -4.85
C SER A 100 7.81 1.90 -4.81
N HIS A 101 8.55 0.84 -5.07
CA HIS A 101 8.04 -0.52 -5.08
C HIS A 101 7.44 -0.87 -3.73
N THR A 102 8.14 -0.54 -2.65
CA THR A 102 7.66 -0.85 -1.31
C THR A 102 6.42 -0.08 -0.86
N LEU A 103 6.37 1.21 -1.15
CA LEU A 103 5.22 2.01 -0.77
C LEU A 103 3.96 1.56 -1.51
N ALA A 104 4.12 1.15 -2.76
CA ALA A 104 2.97 0.67 -3.52
C ALA A 104 2.37 -0.50 -2.74
N GLN A 105 3.23 -1.42 -2.31
CA GLN A 105 2.77 -2.58 -1.57
C GLN A 105 2.11 -2.12 -0.27
N CYS A 106 2.64 -1.07 0.32
CA CYS A 106 2.08 -0.57 1.56
C CYS A 106 0.71 0.03 1.33
N LEU A 107 0.54 0.71 0.21
CA LEU A 107 -0.76 1.28 -0.10
C LEU A 107 -1.75 0.12 -0.28
N GLY A 108 -1.32 -0.90 -1.02
CA GLY A 108 -2.17 -2.05 -1.27
C GLY A 108 -2.61 -2.73 0.01
N PHE A 109 -1.67 -2.92 0.93
CA PHE A 109 -1.99 -3.57 2.20
C PHE A 109 -2.92 -2.70 3.04
N GLN A 110 -2.66 -1.40 3.10
CA GLN A 110 -3.52 -0.51 3.89
C GLN A 110 -4.95 -0.53 3.37
N GLU A 111 -5.11 -0.45 2.05
CA GLU A 111 -6.44 -0.47 1.45
C GLU A 111 -7.14 -1.77 1.90
N PHE A 112 -6.44 -2.88 1.69
CA PHE A 112 -6.96 -4.19 2.06
C PHE A 112 -7.34 -4.24 3.53
N GLN A 113 -6.48 -3.70 4.38
CA GLN A 113 -6.72 -3.74 5.81
C GLN A 113 -8.02 -3.03 6.18
N LYS A 114 -8.27 -1.90 5.52
CA LYS A 114 -9.47 -1.15 5.76
C LYS A 114 -10.71 -1.92 5.30
N ASP A 115 -10.63 -2.52 4.11
CA ASP A 115 -11.73 -3.29 3.58
C ASP A 115 -11.95 -4.57 4.37
N ALA A 116 -10.85 -5.16 4.82
CA ALA A 116 -10.92 -6.39 5.59
C ALA A 116 -11.59 -6.16 6.94
N LYS A 117 -11.36 -4.98 7.53
CA LYS A 117 -11.94 -4.64 8.82
C LYS A 117 -13.44 -4.40 8.66
N GLN A 118 -13.82 -3.85 7.52
CA GLN A 118 -15.23 -3.59 7.27
C GLN A 118 -15.96 -4.92 7.17
N ALA A 119 -15.39 -5.84 6.40
CA ALA A 119 -16.00 -7.16 6.23
C ALA A 119 -16.09 -7.90 7.58
N GLU A 120 -15.08 -7.73 8.42
CA GLU A 120 -15.11 -8.38 9.71
C GLU A 120 -16.28 -7.89 10.57
N ALA A 121 -16.56 -6.59 10.48
CA ALA A 121 -17.65 -6.00 11.24
C ALA A 121 -18.98 -6.54 10.72
N ILE A 122 -19.16 -6.52 9.40
CA ILE A 122 -20.37 -7.04 8.79
C ILE A 122 -20.58 -8.49 9.26
N LEU A 123 -19.51 -9.27 9.19
CA LEU A 123 -19.56 -10.66 9.59
C LEU A 123 -19.88 -10.86 11.06
N SER A 124 -19.36 -9.99 11.93
CA SER A 124 -19.61 -10.14 13.37
C SER A 124 -21.07 -9.88 13.63
N ASN A 125 -21.60 -8.87 12.97
CA ASN A 125 -23.01 -8.55 13.12
C ASN A 125 -23.87 -9.70 12.60
N GLN A 126 -23.53 -10.25 11.43
CA GLN A 126 -24.30 -11.36 10.91
C GLN A 126 -24.25 -12.50 11.94
N GLU A 127 -23.06 -12.79 12.44
CA GLU A 127 -22.91 -13.81 13.45
C GLU A 127 -23.84 -13.55 14.63
N TYR A 128 -23.91 -12.30 15.08
CA TYR A 128 -24.77 -11.98 16.21
C TYR A 128 -26.24 -12.30 15.93
N THR A 129 -26.71 -11.93 14.75
CA THR A 129 -28.09 -12.21 14.40
C THR A 129 -28.34 -13.71 14.30
N LEU A 130 -27.44 -14.41 13.62
CA LEU A 130 -27.58 -15.85 13.42
C LEU A 130 -27.39 -16.64 14.72
N ALA A 131 -26.87 -15.98 15.73
CA ALA A 131 -26.60 -16.61 17.02
C ALA A 131 -27.81 -17.04 17.84
N HIS A 132 -28.91 -16.32 17.73
CA HIS A 132 -30.09 -16.67 18.52
C HIS A 132 -31.39 -16.34 17.80
N LEU A 133 -32.35 -17.25 17.86
CA LEU A 133 -33.63 -17.03 17.22
C LEU A 133 -34.73 -16.96 18.26
N GLU A 134 -35.55 -15.92 18.19
CA GLU A 134 -36.64 -15.73 19.14
C GLU A 134 -37.93 -16.44 18.76
N PRO A 135 -38.45 -17.28 19.68
CA PRO A 135 -39.70 -18.02 19.47
C PRO A 135 -40.86 -17.04 19.53
N PRO A 136 -41.79 -17.12 18.56
CA PRO A 136 -42.95 -16.22 18.52
C PRO A 136 -43.86 -16.29 19.76
N ASP A 137 -44.05 -15.14 20.39
CA ASP A 137 -44.90 -15.02 21.57
C ASP A 137 -46.36 -14.90 21.11
N SER A 138 -46.54 -14.50 19.85
CA SER A 138 -47.85 -14.32 19.29
C SER A 138 -47.77 -14.25 17.77
N LEU A 139 -48.90 -14.02 17.12
CA LEU A 139 -48.93 -13.88 15.67
C LEU A 139 -48.16 -12.65 15.24
N GLU A 140 -48.30 -11.57 16.00
CA GLU A 140 -47.59 -10.33 15.66
C GLU A 140 -46.09 -10.54 15.72
N ALA A 141 -45.63 -11.25 16.74
CA ALA A 141 -44.21 -11.51 16.92
C ALA A 141 -43.72 -12.44 15.81
N ALA A 142 -44.51 -13.47 15.52
CA ALA A 142 -44.17 -14.42 14.48
C ALA A 142 -43.96 -13.68 13.15
N GLU A 143 -44.89 -12.78 12.82
CA GLU A 143 -44.75 -12.04 11.58
C GLU A 143 -43.50 -11.15 11.63
N ALA A 144 -43.30 -10.50 12.76
CA ALA A 144 -42.15 -9.61 12.94
C ALA A 144 -40.83 -10.37 12.82
N GLY A 145 -40.73 -11.51 13.50
CA GLY A 145 -39.50 -12.29 13.44
C GLY A 145 -39.10 -12.62 12.03
N ILE A 146 -40.02 -13.29 11.33
CA ILE A 146 -39.83 -13.69 9.95
C ILE A 146 -39.42 -12.53 9.08
N ARG A 147 -40.20 -11.45 9.16
CA ARG A 147 -39.95 -10.25 8.37
C ARG A 147 -38.59 -9.61 8.66
N LYS A 148 -38.26 -9.50 9.94
CA LYS A 148 -37.00 -8.92 10.35
C LYS A 148 -35.86 -9.76 9.80
N PHE A 149 -36.01 -11.08 9.86
CA PHE A 149 -34.99 -11.98 9.34
C PHE A 149 -34.87 -11.89 7.82
N GLU A 150 -36.00 -11.72 7.16
CA GLU A 150 -35.97 -11.58 5.71
C GLU A 150 -35.14 -10.35 5.38
N ASP A 151 -35.41 -9.23 6.05
CA ASP A 151 -34.62 -8.03 5.79
C ASP A 151 -33.17 -8.31 6.10
N PHE A 152 -32.94 -9.12 7.13
CA PHE A 152 -31.58 -9.47 7.51
C PHE A 152 -30.93 -10.18 6.33
N LEU A 153 -31.66 -11.14 5.76
CA LEU A 153 -31.16 -11.89 4.62
C LEU A 153 -30.90 -10.94 3.48
N GLY A 154 -31.77 -9.95 3.34
CA GLY A 154 -31.60 -8.98 2.28
C GLY A 154 -30.31 -8.21 2.45
N SER A 155 -29.97 -7.89 3.69
CA SER A 155 -28.74 -7.15 3.97
C SER A 155 -27.50 -8.03 3.77
N MET A 156 -27.62 -9.33 4.03
CA MET A 156 -26.47 -10.20 3.83
C MET A 156 -26.11 -10.10 2.37
N GLU A 157 -27.14 -10.16 1.54
CA GLU A 157 -26.97 -10.10 0.10
C GLU A 157 -26.42 -8.73 -0.30
N ASN A 158 -26.84 -7.68 0.39
CA ASN A 158 -26.35 -6.35 0.07
C ASN A 158 -24.88 -6.21 0.39
N ASN A 159 -24.46 -6.71 1.55
CA ASN A 159 -23.06 -6.62 1.97
C ASN A 159 -22.15 -7.67 1.37
N ARG A 160 -22.73 -8.56 0.59
CA ARG A 160 -21.98 -9.63 -0.04
C ARG A 160 -20.68 -9.11 -0.67
N ASP A 161 -20.78 -8.04 -1.45
CA ASP A 161 -19.63 -7.45 -2.11
C ASP A 161 -18.60 -6.89 -1.14
N LYS A 162 -19.09 -6.24 -0.08
CA LYS A 162 -18.21 -5.68 0.94
C LYS A 162 -17.46 -6.76 1.67
N VAL A 163 -18.05 -7.96 1.73
CA VAL A 163 -17.40 -9.06 2.42
C VAL A 163 -16.39 -9.74 1.52
N LEU A 164 -16.79 -10.01 0.28
CA LEU A 164 -15.93 -10.68 -0.68
C LEU A 164 -14.82 -9.79 -1.22
N SER A 165 -15.04 -8.48 -1.19
CA SER A 165 -14.05 -7.53 -1.70
C SER A 165 -12.64 -7.78 -1.16
N PRO A 166 -12.47 -7.73 0.16
CA PRO A 166 -11.12 -7.95 0.68
C PRO A 166 -10.56 -9.34 0.31
N VAL A 167 -11.43 -10.33 0.14
CA VAL A 167 -10.98 -11.66 -0.22
C VAL A 167 -10.32 -11.62 -1.60
N ASP A 168 -10.94 -10.91 -2.54
CA ASP A 168 -10.35 -10.80 -3.86
C ASP A 168 -9.14 -9.88 -3.89
N SER A 169 -9.18 -8.79 -3.15
CA SER A 169 -8.03 -7.87 -3.17
C SER A 169 -6.87 -8.54 -2.43
N GLY A 170 -7.20 -9.24 -1.35
CA GLY A 170 -6.17 -9.92 -0.59
C GLY A 170 -5.43 -10.92 -1.44
N ASN A 171 -6.14 -11.92 -1.95
CA ASN A 171 -5.54 -12.95 -2.79
C ASN A 171 -4.69 -12.34 -3.88
N LYS A 172 -5.18 -11.25 -4.47
CA LYS A 172 -4.43 -10.60 -5.53
C LYS A 172 -3.12 -10.02 -4.99
N LEU A 173 -3.16 -9.43 -3.81
CA LEU A 173 -1.94 -8.87 -3.23
C LEU A 173 -0.98 -10.02 -3.03
N VAL A 174 -1.47 -11.11 -2.44
CA VAL A 174 -0.64 -12.28 -2.21
C VAL A 174 -0.06 -12.77 -3.53
N ALA A 175 -0.89 -12.75 -4.56
CA ALA A 175 -0.48 -13.20 -5.89
C ALA A 175 0.64 -12.33 -6.43
N GLU A 176 0.65 -11.05 -6.07
CA GLU A 176 1.68 -10.14 -6.54
C GLU A 176 2.91 -10.24 -5.66
N GLY A 177 2.83 -11.09 -4.64
CA GLY A 177 3.95 -11.27 -3.74
C GLY A 177 4.13 -10.13 -2.75
N ASN A 178 3.04 -9.46 -2.39
CA ASN A 178 3.07 -8.35 -1.44
C ASN A 178 3.80 -8.76 -0.15
N LEU A 179 4.54 -7.83 0.44
CA LEU A 179 5.32 -8.10 1.64
C LEU A 179 4.55 -8.43 2.92
N TYR A 180 3.24 -8.18 2.93
CA TYR A 180 2.41 -8.47 4.09
C TYR A 180 1.66 -9.78 3.97
N SER A 181 1.90 -10.50 2.88
CA SER A 181 1.22 -11.76 2.61
C SER A 181 0.81 -12.61 3.82
N ASP A 182 1.69 -12.72 4.81
CA ASP A 182 1.37 -13.51 6.00
C ASP A 182 0.10 -13.03 6.67
N LYS A 183 0.05 -11.74 6.95
CA LYS A 183 -1.10 -11.15 7.60
C LYS A 183 -2.32 -11.21 6.69
N ILE A 184 -2.08 -10.96 5.41
CA ILE A 184 -3.14 -10.97 4.43
C ILE A 184 -3.75 -12.35 4.26
N LYS A 185 -2.92 -13.37 4.11
CA LYS A 185 -3.43 -14.74 3.93
C LYS A 185 -4.34 -15.12 5.08
N GLU A 186 -3.85 -14.90 6.29
CA GLU A 186 -4.60 -15.21 7.50
C GLU A 186 -5.95 -14.50 7.56
N LYS A 187 -5.96 -13.20 7.30
CA LYS A 187 -7.22 -12.46 7.34
C LYS A 187 -8.17 -12.85 6.22
N VAL A 188 -7.64 -13.17 5.04
CA VAL A 188 -8.49 -13.55 3.93
C VAL A 188 -9.18 -14.89 4.25
N GLN A 189 -8.43 -15.81 4.85
CA GLN A 189 -8.99 -17.10 5.18
C GLN A 189 -10.12 -16.99 6.20
N LEU A 190 -9.87 -16.28 7.30
CA LEU A 190 -10.86 -16.09 8.35
C LEU A 190 -12.14 -15.50 7.77
N ILE A 191 -12.00 -14.53 6.86
CA ILE A 191 -13.17 -13.93 6.27
C ILE A 191 -13.92 -14.98 5.46
N GLU A 192 -13.22 -15.62 4.53
CA GLU A 192 -13.84 -16.66 3.72
C GLU A 192 -14.59 -17.64 4.59
N ASP A 193 -13.96 -18.12 5.65
CA ASP A 193 -14.59 -19.09 6.52
C ASP A 193 -15.84 -18.58 7.22
N ARG A 194 -15.78 -17.38 7.77
CA ARG A 194 -16.94 -16.83 8.44
C ARG A 194 -18.06 -16.60 7.41
N HIS A 195 -17.70 -16.12 6.24
CA HIS A 195 -18.69 -15.88 5.18
C HIS A 195 -19.41 -17.19 4.85
N ARG A 196 -18.64 -18.26 4.74
CA ARG A 196 -19.19 -19.58 4.43
C ARG A 196 -20.12 -20.05 5.53
N LYS A 197 -19.66 -19.96 6.77
CA LYS A 197 -20.46 -20.40 7.91
C LYS A 197 -21.73 -19.57 8.09
N ASN A 198 -21.63 -18.26 7.96
CA ASN A 198 -22.80 -17.40 8.12
C ASN A 198 -23.87 -17.81 7.12
N ASN A 199 -23.49 -17.94 5.85
CA ASN A 199 -24.43 -18.33 4.81
C ASN A 199 -25.11 -19.67 5.11
N GLU A 200 -24.34 -20.67 5.52
CA GLU A 200 -24.94 -21.96 5.82
C GLU A 200 -25.87 -21.82 6.99
N LYS A 201 -25.40 -21.15 8.04
CA LYS A 201 -26.20 -20.98 9.24
C LYS A 201 -27.48 -20.18 8.94
N ALA A 202 -27.38 -19.21 8.03
CA ALA A 202 -28.52 -18.39 7.66
C ALA A 202 -29.55 -19.21 6.88
N GLN A 203 -29.08 -20.19 6.11
CA GLN A 203 -29.98 -21.04 5.33
C GLN A 203 -30.77 -21.93 6.26
N GLU A 204 -30.10 -22.46 7.28
CA GLU A 204 -30.76 -23.33 8.25
C GLU A 204 -31.78 -22.50 9.03
N ALA A 205 -31.38 -21.30 9.44
CA ALA A 205 -32.27 -20.42 10.20
C ALA A 205 -33.51 -20.10 9.39
N SER A 206 -33.33 -19.88 8.10
CA SER A 206 -34.47 -19.57 7.26
C SER A 206 -35.51 -20.68 7.38
N VAL A 207 -35.05 -21.92 7.32
CA VAL A 207 -35.95 -23.06 7.44
C VAL A 207 -36.61 -23.07 8.82
N LEU A 208 -35.80 -22.95 9.86
CA LEU A 208 -36.32 -22.94 11.22
C LEU A 208 -37.48 -21.97 11.37
N LEU A 209 -37.27 -20.72 10.98
CA LEU A 209 -38.32 -19.71 11.11
C LEU A 209 -39.58 -20.01 10.32
N ARG A 210 -39.43 -20.83 9.29
CA ARG A 210 -40.55 -21.18 8.44
C ARG A 210 -41.31 -22.40 8.95
N ASP A 211 -40.59 -23.35 9.55
CA ASP A 211 -41.23 -24.56 10.05
C ASP A 211 -41.33 -24.60 11.56
N ASN A 212 -41.57 -23.45 12.17
CA ASN A 212 -41.68 -23.39 13.62
C ASN A 212 -41.92 -21.95 14.11
#